data_4OH1
#
_entry.id   4OH1
#
_cell.length_a   63.870
_cell.length_b   85.597
_cell.length_c   149.087
_cell.angle_alpha   90.000
_cell.angle_beta   90.000
_cell.angle_gamma   90.000
#
_symmetry.space_group_name_H-M   'I 2 2 2'
#
loop_
_entity.id
_entity.type
_entity.pdbx_description
1 polymer 'L-iditol 2-dehydrogenase'
2 non-polymer 'ZINC ION'
3 non-polymer 'CHLORIDE ION'
4 non-polymer 1,2-ETHANEDIOL
5 non-polymer 'TETRAETHYLENE GLYCOL'
6 water water
#
_entity_poly.entity_id   1
_entity_poly.type   'polypeptide(L)'
_entity_poly.pdbx_seq_one_letter_code
;G(MSE)RQLFVTSIRDFEKNT(MSE)GTVD(MSE)(MSE)EAP(MSE)PEPKDEEIRIKVVYASI(OCS)GSDTHILTGN
LGE(MSE)ESTTRS(MSE)LP(MSE)SFGHELSGVIDKVGSTAEK(MSE)GFKVGQKVVANYAKYCGCCENCREGKVNLC
SN(MSE)GYR(MSE)NGFSEYAVYH(MSE)SQIFPIPDDADLKDYALVEPLTVALSSAEQAKISYGKSVAI(MSE)GAGG
LG(MSE)(MSE)LVQLARLAGASTITVFDIVPEKLELALENGADYALNSAEEGVAERAIELAGGRYDCVLEGTGATAAAK
LGLQLLARDGDAVYFA(MSE)YGKDPILPVNLQSDLYWDQKHIHG(MSE)IQGAWQFPKSIR(MSE)IPR(MSE)DFSKI
IQKEHTLTNYKQAFEDLYSKKYAKIVIK(MSE)DE
;
_entity_poly.pdbx_strand_id   A
#
# COMPACT_ATOMS: atom_id res chain seq x y z
N GLY A 1 29.01 6.18 -10.15
CA GLY A 1 28.00 6.56 -9.14
C GLY A 1 27.64 5.31 -8.39
N ARG A 3 24.47 1.87 -7.77
CA ARG A 3 23.49 0.94 -8.34
C ARG A 3 22.04 1.46 -8.19
N GLN A 4 21.26 1.45 -9.27
CA GLN A 4 19.85 1.79 -9.20
C GLN A 4 19.09 0.94 -10.21
N LEU A 5 17.84 0.56 -9.86
CA LEU A 5 16.94 -0.17 -10.75
C LEU A 5 15.98 0.76 -11.43
N PHE A 6 15.66 0.47 -12.68
CA PHE A 6 14.76 1.25 -13.47
C PHE A 6 13.79 0.31 -14.14
N VAL A 7 12.61 0.83 -14.39
CA VAL A 7 11.62 0.13 -15.18
C VAL A 7 12.05 0.38 -16.60
N THR A 8 12.44 -0.67 -17.33
CA THR A 8 12.92 -0.58 -18.72
C THR A 8 11.86 -0.87 -19.80
N SER A 9 10.85 -1.67 -19.49
CA SER A 9 9.67 -1.82 -20.34
C SER A 9 8.43 -2.07 -19.49
N ILE A 10 7.26 -1.78 -20.04
CA ILE A 10 5.97 -2.08 -19.38
C ILE A 10 5.20 -3.11 -20.20
N ARG A 11 4.04 -3.56 -19.70
CA ARG A 11 3.27 -4.59 -20.42
C ARG A 11 2.94 -4.14 -21.85
N ASP A 12 3.41 -4.92 -22.84
CA ASP A 12 3.12 -4.73 -24.28
C ASP A 12 1.98 -5.71 -24.68
N PHE A 13 0.74 -5.23 -24.69
CA PHE A 13 -0.41 -6.05 -25.04
C PHE A 13 -0.41 -6.47 -26.52
N GLU A 14 0.04 -5.62 -27.46
CA GLU A 14 0.12 -6.01 -28.92
C GLU A 14 1.36 -6.88 -29.33
N LYS A 15 2.11 -7.42 -28.36
CA LYS A 15 3.14 -8.48 -28.56
C LYS A 15 3.10 -9.56 -27.47
N ASN A 16 2.20 -9.41 -26.52
CA ASN A 16 2.18 -10.22 -25.32
C ASN A 16 3.54 -10.44 -24.66
N THR A 17 4.18 -9.35 -24.23
CA THR A 17 5.36 -9.38 -23.34
C THR A 17 5.08 -8.62 -22.04
N GLY A 19 6.47 -6.46 -18.51
CA GLY A 19 7.42 -5.38 -18.19
C GLY A 19 8.73 -5.91 -17.65
N THR A 20 9.79 -5.11 -17.76
CA THR A 20 11.12 -5.48 -17.25
C THR A 20 11.77 -4.46 -16.25
N VAL A 21 12.64 -4.98 -15.39
CA VAL A 21 13.36 -4.15 -14.41
C VAL A 21 14.83 -4.45 -14.54
N ASP A 22 15.62 -3.41 -14.66
CA ASP A 22 17.04 -3.65 -14.86
C ASP A 22 17.88 -2.70 -14.10
N GLU A 25 23.71 2.08 -14.14
CA GLU A 25 24.50 2.96 -13.29
C GLU A 25 23.87 4.34 -13.26
N ALA A 26 23.95 4.97 -12.10
CA ALA A 26 23.41 6.27 -11.90
C ALA A 26 24.41 7.05 -11.10
N PRO A 27 24.46 8.36 -11.35
CA PRO A 27 25.38 9.19 -10.60
C PRO A 27 24.86 9.33 -9.16
N PRO A 29 23.49 11.22 -6.19
CA PRO A 29 22.78 12.51 -6.11
C PRO A 29 23.29 13.38 -4.94
N GLU A 30 23.06 14.68 -5.04
CA GLU A 30 23.61 15.67 -4.12
C GLU A 30 22.48 16.47 -3.57
N PRO A 31 22.40 16.64 -2.26
CA PRO A 31 21.28 17.42 -1.75
C PRO A 31 21.51 18.93 -1.76
N LYS A 32 20.48 19.69 -2.15
CA LYS A 32 20.48 21.15 -1.96
C LYS A 32 20.32 21.46 -0.47
N ASP A 33 20.16 22.74 -0.12
CA ASP A 33 20.15 23.21 1.30
C ASP A 33 19.06 22.55 2.19
N GLU A 34 17.89 22.37 1.61
CA GLU A 34 16.77 21.79 2.33
C GLU A 34 16.56 20.30 2.11
N GLU A 35 17.53 19.65 1.46
CA GLU A 35 17.39 18.26 1.06
C GLU A 35 18.29 17.39 1.89
N ILE A 36 18.09 16.08 1.80
CA ILE A 36 18.74 15.10 2.63
C ILE A 36 18.98 13.92 1.74
N ARG A 37 20.17 13.34 1.81
CA ARG A 37 20.45 12.14 1.10
C ARG A 37 20.45 10.98 2.08
N ILE A 38 19.76 9.92 1.66
CA ILE A 38 19.63 8.70 2.42
C ILE A 38 20.48 7.65 1.80
N LYS A 39 21.13 6.91 2.64
CA LYS A 39 21.66 5.67 2.20
C LYS A 39 20.56 4.64 2.44
N VAL A 40 20.10 3.99 1.36
CA VAL A 40 18.94 3.14 1.47
C VAL A 40 19.39 1.78 1.92
N VAL A 41 18.73 1.26 2.95
CA VAL A 41 19.08 -0.06 3.48
C VAL A 41 18.04 -1.13 3.09
N TYR A 42 16.75 -0.82 3.24
CA TYR A 42 15.72 -1.72 2.79
C TYR A 42 14.72 -0.99 1.93
N ALA A 43 14.35 -1.63 0.84
CA ALA A 43 13.29 -1.16 -0.02
C ALA A 43 12.27 -2.32 -0.25
N SER A 44 11.00 -1.94 -0.19
CA SER A 44 9.95 -2.87 -0.45
C SER A 44 9.27 -2.59 -1.76
N ILE A 45 8.75 -3.67 -2.31
CA ILE A 45 8.07 -3.64 -3.58
C ILE A 45 6.58 -3.72 -3.37
N GLY A 47 2.33 -3.54 -4.88
CA GLY A 47 1.32 -3.79 -5.95
C GLY A 47 1.26 -2.77 -7.12
N SER A 48 1.46 -1.48 -6.86
CA SER A 48 1.49 -0.46 -7.94
C SER A 48 2.71 -0.65 -8.83
N ASP A 49 3.86 -0.96 -8.23
CA ASP A 49 5.07 -1.32 -9.00
C ASP A 49 4.75 -2.49 -9.97
N THR A 50 3.97 -3.46 -9.50
CA THR A 50 3.59 -4.66 -10.30
C THR A 50 2.63 -4.29 -11.44
N HIS A 51 1.68 -3.37 -11.16
CA HIS A 51 0.69 -2.88 -12.15
C HIS A 51 1.38 -2.13 -13.31
N ILE A 52 2.42 -1.34 -13.01
CA ILE A 52 3.24 -0.68 -14.05
C ILE A 52 3.82 -1.73 -14.98
N LEU A 53 4.28 -2.80 -14.38
CA LEU A 53 5.06 -3.77 -15.10
C LEU A 53 4.20 -4.79 -15.85
N THR A 54 3.25 -5.38 -15.15
CA THR A 54 2.48 -6.49 -15.67
C THR A 54 1.03 -6.09 -15.95
N GLY A 55 0.75 -4.79 -15.82
CA GLY A 55 -0.62 -4.32 -15.72
C GLY A 55 -1.15 -3.57 -16.93
N ASN A 56 -2.47 -3.37 -16.83
CA ASN A 56 -3.26 -2.70 -17.83
C ASN A 56 -3.35 -1.25 -17.41
N LEU A 57 -2.88 -0.36 -18.27
CA LEU A 57 -2.56 1.02 -17.87
C LEU A 57 -3.44 2.16 -18.40
N GLY A 58 -4.48 1.88 -19.20
CA GLY A 58 -5.41 2.94 -19.70
C GLY A 58 -4.77 3.89 -20.69
N GLU A 59 -5.30 5.13 -20.78
CA GLU A 59 -4.74 6.23 -21.66
C GLU A 59 -3.34 6.64 -21.18
N GLU A 61 -1.08 4.57 -20.49
CA GLU A 61 -0.09 3.64 -21.03
C GLU A 61 0.89 4.29 -22.01
N SER A 62 0.45 5.28 -22.79
CA SER A 62 1.35 5.88 -23.77
C SER A 62 2.34 6.81 -23.11
N THR A 63 1.81 7.55 -22.16
CA THR A 63 2.58 8.55 -21.42
C THR A 63 3.81 7.87 -20.71
N THR A 64 3.57 6.81 -19.91
CA THR A 64 4.64 6.09 -19.16
C THR A 64 5.75 5.52 -20.06
N ARG A 65 5.36 4.84 -21.14
CA ARG A 65 6.32 4.32 -22.15
C ARG A 65 7.16 5.47 -22.74
N SER A 66 6.54 6.65 -22.85
CA SER A 66 7.22 7.90 -23.21
C SER A 66 8.50 8.12 -22.40
N LEU A 68 10.37 5.86 -20.26
CA LEU A 68 11.27 4.77 -19.87
C LEU A 68 12.62 5.18 -20.38
N PRO A 69 13.71 4.81 -19.70
CA PRO A 69 13.80 4.08 -18.42
C PRO A 69 13.40 4.94 -17.23
N SER A 71 12.91 5.62 -13.02
CA SER A 71 13.23 5.29 -11.63
C SER A 71 11.97 4.88 -10.93
N PHE A 72 12.07 4.03 -9.91
CA PHE A 72 10.90 3.69 -9.14
C PHE A 72 11.27 3.27 -7.73
N GLY A 73 10.25 3.02 -6.93
CA GLY A 73 10.42 2.52 -5.56
C GLY A 73 9.99 3.65 -4.66
N HIS A 74 9.06 3.38 -3.76
CA HIS A 74 8.61 4.41 -2.84
C HIS A 74 8.40 3.90 -1.38
N GLU A 75 8.94 2.72 -1.07
CA GLU A 75 8.80 2.13 0.23
C GLU A 75 10.20 1.81 0.70
N LEU A 76 10.72 2.60 1.64
CA LEU A 76 12.16 2.44 1.98
C LEU A 76 12.52 2.96 3.36
N SER A 77 13.52 2.31 3.92
CA SER A 77 14.14 2.78 5.14
C SER A 77 15.64 2.88 4.91
N GLY A 78 16.33 3.72 5.63
CA GLY A 78 17.77 3.69 5.65
C GLY A 78 18.31 4.68 6.65
N VAL A 79 19.49 5.22 6.34
CA VAL A 79 20.24 6.08 7.27
C VAL A 79 20.63 7.37 6.51
N ILE A 80 20.52 8.50 7.16
CA ILE A 80 20.93 9.75 6.58
C ILE A 80 22.46 9.72 6.29
N ASP A 81 22.80 10.05 5.06
CA ASP A 81 24.15 10.03 4.55
C ASP A 81 24.73 11.44 4.37
N LYS A 82 23.89 12.43 4.09
CA LYS A 82 24.33 13.79 3.93
C LYS A 82 23.14 14.74 3.98
N VAL A 83 23.36 15.89 4.59
CA VAL A 83 22.32 16.85 4.95
C VAL A 83 22.67 18.25 4.38
N GLY A 84 21.77 18.89 3.66
CA GLY A 84 21.93 20.31 3.34
C GLY A 84 21.95 21.18 4.60
N SER A 85 22.55 22.35 4.50
CA SER A 85 22.69 23.23 5.63
C SER A 85 21.35 23.64 6.26
N THR A 86 20.31 23.91 5.49
CA THR A 86 19.04 24.25 6.14
C THR A 86 18.49 23.05 6.91
N ALA A 87 18.58 21.88 6.31
CA ALA A 87 18.06 20.72 6.98
C ALA A 87 18.82 20.41 8.26
N GLU A 88 20.13 20.67 8.28
CA GLU A 88 20.91 20.39 9.48
C GLU A 88 20.40 21.26 10.59
N LYS A 89 20.07 22.50 10.24
CA LYS A 89 19.55 23.48 11.16
C LYS A 89 18.18 23.05 11.73
N GLY A 91 17.56 20.12 12.55
CA GLY A 91 17.84 18.96 13.39
C GLY A 91 18.19 17.65 12.68
N PHE A 92 18.20 17.61 11.36
CA PHE A 92 18.54 16.31 10.73
C PHE A 92 20.05 16.17 10.73
N LYS A 93 20.55 14.97 10.98
CA LYS A 93 21.96 14.74 11.13
C LYS A 93 22.33 13.43 10.44
N VAL A 94 23.55 13.36 9.87
CA VAL A 94 24.08 12.09 9.39
C VAL A 94 24.08 11.03 10.51
N GLY A 95 23.75 9.78 10.16
CA GLY A 95 23.61 8.68 11.10
C GLY A 95 22.18 8.41 11.56
N GLN A 96 21.25 9.35 11.37
CA GLN A 96 19.86 9.10 11.84
C GLN A 96 19.18 8.07 10.96
N LYS A 97 18.61 7.03 11.57
CA LYS A 97 17.69 6.14 10.88
C LYS A 97 16.38 6.87 10.49
N VAL A 98 15.93 6.66 9.24
CA VAL A 98 14.75 7.34 8.72
C VAL A 98 13.96 6.50 7.71
N VAL A 99 12.74 6.98 7.43
CA VAL A 99 11.97 6.57 6.30
C VAL A 99 11.60 7.81 5.57
N ALA A 100 11.23 7.62 4.33
CA ALA A 100 10.89 8.73 3.43
C ALA A 100 9.48 8.58 2.88
N ASN A 101 8.82 9.72 2.72
CA ASN A 101 7.57 9.83 2.03
C ASN A 101 7.84 10.29 0.60
N TYR A 102 7.49 9.48 -0.40
CA TYR A 102 7.77 9.76 -1.79
C TYR A 102 7.09 11.05 -2.20
N ALA A 103 5.98 11.41 -1.55
CA ALA A 103 5.14 12.52 -2.05
C ALA A 103 5.66 13.85 -1.53
N LYS A 104 5.83 14.82 -2.43
CA LYS A 104 6.24 16.18 -2.08
C LYS A 104 5.08 17.16 -2.25
N TYR A 105 4.62 17.69 -1.13
CA TYR A 105 3.53 18.66 -1.15
C TYR A 105 4.08 20.08 -1.41
N CYS A 106 3.36 20.92 -2.15
CA CYS A 106 3.90 22.23 -2.51
C CYS A 106 3.67 23.24 -1.39
N GLY A 107 2.67 23.00 -0.55
CA GLY A 107 2.44 23.87 0.60
C GLY A 107 1.91 25.22 0.21
N CYS A 108 1.58 25.43 -1.06
CA CYS A 108 1.06 26.73 -1.43
C CYS A 108 -0.02 26.73 -2.49
N CYS A 109 -0.70 25.61 -2.63
CA CYS A 109 -1.98 25.51 -3.36
C CYS A 109 -3.17 25.39 -2.35
N GLU A 110 -4.40 25.44 -2.89
CA GLU A 110 -5.56 25.50 -2.02
C GLU A 110 -5.75 24.18 -1.28
N ASN A 111 -5.60 23.06 -1.97
CA ASN A 111 -5.72 21.81 -1.24
C ASN A 111 -4.71 21.68 -0.09
N CYS A 112 -3.47 22.08 -0.40
CA CYS A 112 -2.42 22.05 0.59
C CYS A 112 -2.86 22.88 1.75
N ARG A 113 -3.34 24.09 1.51
CA ARG A 113 -3.63 24.98 2.63
C ARG A 113 -5.02 24.81 3.26
N GLU A 114 -5.70 23.75 2.85
CA GLU A 114 -6.91 23.25 3.51
C GLU A 114 -6.55 21.97 4.26
N GLY A 115 -5.27 21.60 4.25
CA GLY A 115 -4.84 20.42 4.97
C GLY A 115 -4.91 19.14 4.14
N LYS A 116 -5.35 19.26 2.88
CA LYS A 116 -5.59 18.07 2.10
C LYS A 116 -4.40 17.85 1.17
N VAL A 117 -3.24 17.61 1.77
CA VAL A 117 -2.00 17.60 1.01
C VAL A 117 -1.94 16.41 0.05
N ASN A 118 -2.64 15.32 0.36
CA ASN A 118 -2.79 14.19 -0.56
C ASN A 118 -3.54 14.50 -1.85
N LEU A 119 -4.20 15.67 -1.89
CA LEU A 119 -4.85 16.21 -3.08
C LEU A 119 -4.05 17.38 -3.60
N CYS A 120 -2.80 17.50 -3.22
CA CYS A 120 -1.97 18.65 -3.68
C CYS A 120 -2.07 18.86 -5.20
N SER A 121 -2.34 20.09 -5.63
CA SER A 121 -2.31 20.44 -7.08
C SER A 121 -0.98 20.44 -7.80
N ASN A 122 0.11 20.68 -7.08
CA ASN A 122 1.44 20.67 -7.69
C ASN A 122 2.26 19.53 -7.11
N GLY A 124 4.56 16.66 -6.21
CA GLY A 124 5.84 16.11 -6.69
C GLY A 124 5.91 14.66 -6.21
N TYR A 125 6.60 13.79 -6.97
CA TYR A 125 6.81 12.39 -6.60
C TYR A 125 8.28 12.04 -6.73
N ARG A 126 8.92 11.59 -5.66
CA ARG A 126 10.32 11.21 -5.73
C ARG A 126 10.35 9.70 -5.62
N ASN A 128 12.71 7.00 -6.14
CA ASN A 128 14.02 6.42 -6.24
C ASN A 128 14.30 5.47 -5.16
N GLY A 129 13.27 4.81 -4.68
CA GLY A 129 13.41 3.83 -3.63
C GLY A 129 14.39 2.76 -3.92
N PHE A 130 14.44 2.31 -5.18
CA PHE A 130 15.29 1.21 -5.57
C PHE A 130 16.67 1.69 -6.10
N SER A 131 17.29 2.48 -5.24
CA SER A 131 18.52 3.16 -5.47
C SER A 131 19.36 3.04 -4.20
N GLU A 132 20.65 2.96 -4.31
CA GLU A 132 21.48 2.87 -3.10
C GLU A 132 21.51 4.15 -2.31
N TYR A 133 21.32 5.30 -2.99
CA TYR A 133 21.26 6.59 -2.31
C TYR A 133 20.17 7.38 -2.94
N ALA A 134 19.37 8.05 -2.14
CA ALA A 134 18.30 8.86 -2.72
C ALA A 134 18.15 10.13 -1.94
N VAL A 135 17.72 11.19 -2.63
CA VAL A 135 17.60 12.51 -2.06
C VAL A 135 16.14 12.89 -2.00
N TYR A 136 15.76 13.55 -0.91
CA TYR A 136 14.39 13.99 -0.68
C TYR A 136 14.47 15.34 -0.01
N HIS A 137 13.37 16.09 -0.06
CA HIS A 137 13.27 17.33 0.72
C HIS A 137 13.10 16.96 2.18
N SER A 139 11.12 17.83 4.44
CA SER A 139 9.76 17.59 4.76
C SER A 139 9.32 16.16 4.46
N GLN A 140 10.08 15.41 3.66
CA GLN A 140 9.74 14.05 3.33
C GLN A 140 10.40 13.08 4.22
N ILE A 141 11.23 13.51 5.16
CA ILE A 141 12.09 12.57 5.87
C ILE A 141 11.67 12.45 7.28
N PHE A 142 11.50 11.21 7.78
CA PHE A 142 10.94 10.98 9.12
C PHE A 142 11.83 10.12 9.94
N PRO A 143 12.18 10.56 11.13
CA PRO A 143 13.04 9.67 11.92
C PRO A 143 12.27 8.55 12.59
N ILE A 144 12.97 7.46 12.81
CA ILE A 144 12.47 6.29 13.48
C ILE A 144 13.42 5.93 14.66
N PRO A 145 13.04 5.01 15.54
CA PRO A 145 13.89 4.79 16.69
C PRO A 145 15.32 4.36 16.36
N ASP A 146 16.28 4.79 17.18
CA ASP A 146 17.68 4.44 16.95
C ASP A 146 17.91 2.95 16.90
N ASP A 147 17.20 2.22 17.71
CA ASP A 147 17.28 0.77 17.68
C ASP A 147 16.29 0.09 16.72
N ALA A 148 15.76 0.80 15.76
CA ALA A 148 14.78 0.21 14.84
C ALA A 148 15.37 -0.81 13.94
N ASP A 149 14.63 -1.90 13.73
CA ASP A 149 14.94 -2.90 12.69
C ASP A 149 14.46 -2.31 11.36
N LEU A 150 15.41 -1.90 10.54
CA LEU A 150 15.11 -1.23 9.31
C LEU A 150 14.24 -2.01 8.31
N LYS A 151 14.29 -3.32 8.38
CA LYS A 151 13.54 -4.14 7.49
C LYS A 151 12.06 -3.89 7.67
N ASP A 152 11.61 -3.84 8.90
CA ASP A 152 10.20 -3.64 9.17
C ASP A 152 9.75 -2.25 8.86
N TYR A 153 10.61 -1.27 9.10
CA TYR A 153 10.23 0.15 8.84
C TYR A 153 10.20 0.49 7.36
N ALA A 154 10.79 -0.35 6.54
CA ALA A 154 10.59 -0.21 5.11
C ALA A 154 9.09 -0.30 4.74
N LEU A 155 8.28 -0.90 5.60
CA LEU A 155 6.84 -1.00 5.33
C LEU A 155 6.06 0.15 5.88
N VAL A 156 6.71 1.22 6.35
CA VAL A 156 5.97 2.37 6.83
C VAL A 156 4.99 2.95 5.86
N GLU A 157 5.34 3.02 4.59
CA GLU A 157 4.47 3.72 3.63
C GLU A 157 3.23 2.87 3.35
N PRO A 158 3.40 1.58 3.08
CA PRO A 158 2.16 0.86 2.86
C PRO A 158 1.26 0.79 4.11
N LEU A 159 1.85 0.76 5.31
CA LEU A 159 1.05 0.88 6.55
C LEU A 159 0.25 2.16 6.58
N THR A 160 0.79 3.28 6.08
CA THR A 160 -0.04 4.47 5.99
C THR A 160 -1.29 4.31 5.12
N VAL A 161 -1.16 3.58 4.02
CA VAL A 161 -2.28 3.31 3.18
C VAL A 161 -3.31 2.41 3.89
N ALA A 162 -2.82 1.41 4.57
CA ALA A 162 -3.67 0.56 5.33
C ALA A 162 -4.34 1.31 6.47
N LEU A 163 -3.59 2.17 7.18
CA LEU A 163 -4.18 2.97 8.24
C LEU A 163 -5.25 3.89 7.73
N SER A 164 -5.03 4.55 6.59
CA SER A 164 -6.05 5.45 6.07
C SER A 164 -7.34 4.76 5.64
N SER A 165 -7.19 3.61 5.03
CA SER A 165 -8.30 2.81 4.60
C SER A 165 -9.06 2.29 5.81
N ALA A 166 -8.37 1.83 6.84
CA ALA A 166 -9.05 1.36 8.03
C ALA A 166 -9.83 2.47 8.69
N GLU A 167 -9.25 3.65 8.72
CA GLU A 167 -9.91 4.76 9.34
C GLU A 167 -11.07 5.19 8.52
N GLN A 168 -10.92 5.16 7.23
CA GLN A 168 -12.02 5.54 6.35
C GLN A 168 -13.20 4.52 6.42
N ALA A 169 -12.91 3.26 6.66
CA ALA A 169 -13.93 2.25 6.87
C ALA A 169 -14.51 2.30 8.27
N LYS A 170 -13.93 3.15 9.11
CA LYS A 170 -14.43 3.34 10.46
C LYS A 170 -14.39 2.08 11.29
N ILE A 171 -13.30 1.34 11.17
CA ILE A 171 -13.21 0.16 11.95
C ILE A 171 -13.15 0.59 13.40
N SER A 172 -13.98 -0.01 14.25
CA SER A 172 -13.97 0.38 15.67
C SER A 172 -14.61 -0.73 16.48
N TYR A 173 -14.63 -0.56 17.79
CA TYR A 173 -15.06 -1.58 18.73
C TYR A 173 -16.32 -2.29 18.26
N GLY A 174 -16.23 -3.61 18.20
CA GLY A 174 -17.43 -4.36 17.99
C GLY A 174 -17.96 -4.42 16.56
N LYS A 175 -17.23 -3.86 15.61
CA LYS A 175 -17.62 -3.97 14.21
C LYS A 175 -17.14 -5.25 13.53
N SER A 176 -17.90 -5.64 12.52
CA SER A 176 -17.50 -6.72 11.63
C SER A 176 -16.84 -6.14 10.39
N VAL A 177 -15.76 -6.81 9.97
CA VAL A 177 -14.89 -6.33 8.92
C VAL A 177 -14.71 -7.37 7.83
N ALA A 178 -14.97 -6.97 6.60
CA ALA A 178 -14.66 -7.82 5.43
C ALA A 178 -13.51 -7.21 4.63
N ILE A 179 -12.46 -7.99 4.41
CA ILE A 179 -11.31 -7.53 3.63
C ILE A 179 -11.22 -8.33 2.36
N GLY A 181 -9.06 -9.39 -0.51
CA GLY A 181 -7.67 -9.54 -0.96
C GLY A 181 -6.76 -9.94 0.18
N ALA A 182 -6.06 -11.05 0.04
CA ALA A 182 -5.14 -11.52 1.07
C ALA A 182 -3.67 -11.27 0.70
N GLY A 183 -3.41 -10.10 0.10
CA GLY A 183 -2.05 -9.65 -0.14
C GLY A 183 -1.45 -8.91 1.04
N GLY A 184 -0.38 -8.17 0.80
CA GLY A 184 0.32 -7.52 1.88
C GLY A 184 -0.52 -6.49 2.57
N LEU A 185 -1.14 -5.61 1.80
CA LEU A 185 -2.05 -4.62 2.39
C LEU A 185 -3.19 -5.29 3.15
N GLY A 186 -3.70 -6.37 2.58
CA GLY A 186 -4.69 -7.21 3.21
C GLY A 186 -4.26 -7.68 4.59
N LEU A 189 -4.23 -4.84 7.02
CA LEU A 189 -5.61 -4.55 7.43
C LEU A 189 -6.13 -5.61 8.44
N VAL A 190 -5.75 -6.85 8.30
CA VAL A 190 -6.17 -7.83 9.28
C VAL A 190 -5.63 -7.40 10.66
N GLN A 191 -4.35 -7.11 10.72
CA GLN A 191 -3.72 -6.73 12.00
C GLN A 191 -4.32 -5.44 12.54
N LEU A 192 -4.56 -4.49 11.66
CA LEU A 192 -5.13 -3.23 12.07
C LEU A 192 -6.59 -3.34 12.45
N ALA A 193 -7.33 -4.26 11.82
CA ALA A 193 -8.71 -4.47 12.22
C ALA A 193 -8.72 -5.04 13.63
N ARG A 194 -7.79 -5.95 13.96
CA ARG A 194 -7.73 -6.41 15.32
C ARG A 194 -7.45 -5.28 16.31
N LEU A 195 -6.56 -4.37 15.91
CA LEU A 195 -6.08 -3.28 16.78
C LEU A 195 -7.02 -2.13 16.74
N ALA A 196 -8.13 -2.27 16.05
CA ALA A 196 -9.20 -1.26 16.15
C ALA A 196 -10.49 -1.82 16.80
N GLY A 197 -10.39 -2.99 17.44
CA GLY A 197 -11.50 -3.52 18.13
C GLY A 197 -12.53 -4.30 17.34
N ALA A 198 -12.20 -4.70 16.13
CA ALA A 198 -13.11 -5.49 15.35
C ALA A 198 -13.38 -6.81 16.01
N SER A 199 -14.66 -7.21 16.05
CA SER A 199 -15.06 -8.42 16.74
C SER A 199 -15.26 -9.55 15.76
N THR A 200 -15.45 -9.24 14.47
CA THR A 200 -15.39 -10.27 13.41
C THR A 200 -14.57 -9.79 12.21
N ILE A 201 -13.58 -10.57 11.78
CA ILE A 201 -12.72 -10.21 10.63
C ILE A 201 -12.73 -11.36 9.63
N THR A 202 -13.22 -11.13 8.43
CA THR A 202 -13.27 -12.18 7.38
C THR A 202 -12.53 -11.69 6.16
N VAL A 203 -11.58 -12.48 5.71
CA VAL A 203 -10.83 -12.18 4.49
C VAL A 203 -11.27 -13.05 3.33
N PHE A 204 -11.28 -12.45 2.14
CA PHE A 204 -11.71 -13.13 0.93
C PHE A 204 -10.55 -13.16 -0.08
N ASP A 205 -10.28 -14.31 -0.68
CA ASP A 205 -9.31 -14.37 -1.79
C ASP A 205 -9.60 -15.58 -2.66
N ILE A 206 -8.92 -15.74 -3.82
CA ILE A 206 -8.99 -16.98 -4.66
C ILE A 206 -8.04 -18.09 -4.19
N VAL A 207 -6.91 -17.65 -3.69
CA VAL A 207 -5.80 -18.53 -3.49
C VAL A 207 -5.84 -19.10 -2.08
N PRO A 208 -5.82 -20.42 -1.92
CA PRO A 208 -5.95 -20.99 -0.58
C PRO A 208 -4.76 -20.81 0.40
N GLU A 209 -3.54 -20.74 -0.11
CA GLU A 209 -2.38 -20.52 0.76
C GLU A 209 -2.49 -19.14 1.44
N LYS A 210 -3.10 -18.23 0.69
CA LYS A 210 -3.26 -16.90 1.18
C LYS A 210 -4.37 -16.84 2.19
N LEU A 211 -5.37 -17.71 2.08
CA LEU A 211 -6.38 -17.74 3.09
C LEU A 211 -5.74 -18.26 4.39
N GLU A 212 -4.83 -19.21 4.31
CA GLU A 212 -4.19 -19.66 5.53
C GLU A 212 -3.39 -18.52 6.18
N LEU A 213 -2.80 -17.68 5.35
CA LEU A 213 -2.00 -16.60 5.87
C LEU A 213 -2.88 -15.56 6.59
N ALA A 214 -4.04 -15.26 6.04
CA ALA A 214 -5.00 -14.43 6.71
C ALA A 214 -5.33 -14.93 8.12
N LEU A 215 -5.56 -16.22 8.25
CA LEU A 215 -5.85 -16.77 9.61
C LEU A 215 -4.64 -16.60 10.49
N GLU A 216 -3.43 -16.84 9.97
CA GLU A 216 -2.23 -16.60 10.77
C GLU A 216 -2.04 -15.15 11.19
N ASN A 217 -2.54 -14.21 10.42
CA ASN A 217 -2.41 -12.80 10.80
C ASN A 217 -3.50 -12.32 11.77
N GLY A 218 -4.46 -13.18 12.12
CA GLY A 218 -5.53 -12.80 13.06
C GLY A 218 -6.94 -12.76 12.53
N ALA A 219 -7.19 -13.19 11.29
CA ALA A 219 -8.52 -13.15 10.79
C ALA A 219 -9.31 -14.23 11.48
N ASP A 220 -10.59 -13.99 11.70
CA ASP A 220 -11.47 -15.03 12.22
C ASP A 220 -11.85 -16.03 11.14
N TYR A 221 -12.16 -15.55 9.95
CA TYR A 221 -12.54 -16.44 8.87
C TYR A 221 -11.80 -16.02 7.62
N ALA A 222 -11.60 -16.97 6.75
CA ALA A 222 -10.93 -16.73 5.48
C ALA A 222 -11.61 -17.56 4.42
N LEU A 223 -12.19 -16.89 3.43
CA LEU A 223 -13.09 -17.56 2.50
C LEU A 223 -12.66 -17.37 1.07
N ASN A 224 -13.02 -18.35 0.27
CA ASN A 224 -12.75 -18.31 -1.15
C ASN A 224 -13.77 -17.49 -1.93
N SER A 225 -13.33 -16.40 -2.55
CA SER A 225 -14.25 -15.42 -3.13
C SER A 225 -14.84 -15.84 -4.46
N ALA A 226 -14.27 -16.92 -5.02
CA ALA A 226 -14.72 -17.59 -6.23
C ALA A 226 -15.78 -18.67 -5.98
N GLU A 227 -15.77 -19.35 -4.84
CA GLU A 227 -16.82 -20.29 -4.57
C GLU A 227 -18.19 -19.63 -4.51
N GLU A 228 -19.17 -20.17 -5.24
CA GLU A 228 -20.49 -19.57 -5.21
C GLU A 228 -21.17 -19.80 -3.86
N GLY A 229 -22.15 -18.97 -3.53
CA GLY A 229 -22.73 -18.92 -2.20
C GLY A 229 -21.88 -18.24 -1.12
N VAL A 230 -20.73 -17.67 -1.51
CA VAL A 230 -19.80 -17.20 -0.51
C VAL A 230 -20.34 -16.07 0.31
N ALA A 231 -21.12 -15.20 -0.31
CA ALA A 231 -21.71 -14.13 0.43
C ALA A 231 -22.53 -14.63 1.62
N GLU A 232 -23.38 -15.63 1.39
CA GLU A 232 -24.27 -16.07 2.44
C GLU A 232 -23.52 -16.81 3.47
N ARG A 233 -22.54 -17.64 3.10
CA ARG A 233 -21.71 -18.23 4.17
C ARG A 233 -21.11 -17.13 5.03
N ALA A 234 -20.56 -16.10 4.40
CA ALA A 234 -19.89 -15.04 5.13
C ALA A 234 -20.84 -14.32 6.05
N ILE A 235 -22.05 -14.09 5.59
CA ILE A 235 -23.01 -13.37 6.41
C ILE A 235 -23.45 -14.25 7.59
N GLU A 236 -23.69 -15.53 7.29
CA GLU A 236 -23.88 -16.54 8.32
C GLU A 236 -22.78 -16.43 9.36
N LEU A 237 -21.50 -16.52 8.97
CA LEU A 237 -20.41 -16.58 9.95
C LEU A 237 -20.30 -15.37 10.84
N ALA A 238 -20.69 -14.22 10.32
CA ALA A 238 -20.58 -12.99 11.04
C ALA A 238 -21.87 -12.60 11.74
N GLY A 239 -22.88 -13.43 11.65
CA GLY A 239 -24.15 -13.11 12.25
C GLY A 239 -24.83 -11.92 11.61
N GLY A 240 -24.59 -11.70 10.33
CA GLY A 240 -25.13 -10.52 9.70
C GLY A 240 -24.14 -9.92 8.74
N ARG A 241 -24.58 -8.86 8.10
CA ARG A 241 -23.77 -8.24 7.09
C ARG A 241 -22.62 -7.45 7.78
N TYR A 242 -21.62 -7.05 6.98
CA TYR A 242 -20.41 -6.48 7.49
C TYR A 242 -20.44 -4.97 7.67
N ASP A 243 -19.99 -4.49 8.83
CA ASP A 243 -20.00 -3.02 9.05
C ASP A 243 -18.96 -2.25 8.20
N CYS A 244 -17.86 -2.93 7.88
CA CYS A 244 -16.72 -2.32 7.25
C CYS A 244 -16.32 -3.27 6.12
N VAL A 245 -16.22 -2.74 4.91
CA VAL A 245 -15.72 -3.50 3.77
C VAL A 245 -14.52 -2.77 3.14
N LEU A 246 -13.43 -3.50 2.95
CA LEU A 246 -12.19 -2.93 2.41
C LEU A 246 -11.78 -3.64 1.16
N GLU A 247 -11.84 -2.93 0.05
CA GLU A 247 -11.58 -3.54 -1.30
C GLU A 247 -10.19 -3.19 -1.80
N GLY A 248 -9.31 -4.19 -1.76
CA GLY A 248 -7.91 -4.06 -2.16
C GLY A 248 -7.46 -4.95 -3.32
N THR A 249 -8.34 -5.73 -3.94
CA THR A 249 -7.93 -6.54 -5.09
C THR A 249 -7.86 -5.74 -6.37
N GLY A 250 -8.64 -4.68 -6.51
CA GLY A 250 -8.68 -3.94 -7.76
C GLY A 250 -9.52 -4.62 -8.82
N ALA A 251 -10.24 -5.67 -8.44
CA ALA A 251 -11.07 -6.41 -9.40
C ALA A 251 -12.52 -6.02 -9.18
N THR A 252 -13.28 -5.96 -10.27
CA THR A 252 -14.65 -5.50 -10.17
C THR A 252 -15.57 -6.54 -9.57
N ALA A 253 -15.30 -7.83 -9.74
CA ALA A 253 -16.12 -8.83 -9.03
C ALA A 253 -15.99 -8.77 -7.48
N ALA A 254 -14.77 -8.56 -6.97
CA ALA A 254 -14.55 -8.41 -5.53
C ALA A 254 -15.24 -7.13 -5.08
N ALA A 255 -15.17 -6.10 -5.90
CA ALA A 255 -15.82 -4.86 -5.55
C ALA A 255 -17.30 -4.98 -5.41
N LYS A 256 -17.93 -5.64 -6.38
CA LYS A 256 -19.36 -5.88 -6.30
C LYS A 256 -19.70 -6.77 -5.10
N LEU A 257 -18.92 -7.81 -4.87
CA LEU A 257 -19.19 -8.69 -3.73
C LEU A 257 -19.08 -7.91 -2.38
N GLY A 258 -18.07 -7.09 -2.29
CA GLY A 258 -17.95 -6.16 -1.18
C GLY A 258 -19.20 -5.37 -0.89
N LEU A 259 -19.76 -4.75 -1.93
CA LEU A 259 -20.97 -3.93 -1.72
C LEU A 259 -22.11 -4.81 -1.21
N GLN A 260 -22.21 -6.02 -1.75
CA GLN A 260 -23.27 -6.92 -1.30
C GLN A 260 -23.20 -7.34 0.15
N LEU A 261 -21.98 -7.52 0.62
CA LEU A 261 -21.65 -7.87 2.01
C LEU A 261 -21.88 -6.75 3.01
N LEU A 262 -21.94 -5.55 2.52
CA LEU A 262 -21.99 -4.41 3.36
C LEU A 262 -23.34 -4.27 4.12
N ALA A 263 -23.27 -4.12 5.42
CA ALA A 263 -24.46 -3.91 6.26
C ALA A 263 -25.12 -2.58 6.01
N ARG A 264 -26.36 -2.45 6.49
CA ARG A 264 -27.07 -1.18 6.45
C ARG A 264 -26.26 -0.19 7.26
N ASP A 265 -26.14 1.03 6.77
CA ASP A 265 -25.30 2.03 7.38
C ASP A 265 -23.78 1.67 7.43
N GLY A 266 -23.34 0.67 6.70
CA GLY A 266 -21.95 0.27 6.69
C GLY A 266 -21.06 1.15 5.82
N ASP A 267 -19.74 0.97 5.93
CA ASP A 267 -18.76 1.77 5.19
C ASP A 267 -17.90 0.87 4.37
N ALA A 268 -17.97 1.07 3.08
CA ALA A 268 -17.08 0.35 2.12
C ALA A 268 -16.03 1.30 1.53
N VAL A 269 -14.78 0.83 1.51
CA VAL A 269 -13.65 1.61 1.05
C VAL A 269 -12.95 0.87 -0.09
N TYR A 270 -12.87 1.58 -1.23
CA TYR A 270 -12.25 1.11 -2.45
C TYR A 270 -10.97 1.85 -2.63
N PHE A 271 -9.89 1.20 -2.25
CA PHE A 271 -8.55 1.79 -2.22
C PHE A 271 -7.54 1.19 -3.20
N ALA A 272 -7.93 0.12 -3.89
CA ALA A 272 -7.08 -0.48 -4.88
C ALA A 272 -6.96 0.42 -6.10
N TYR A 274 -7.62 0.34 -9.89
CA TYR A 274 -8.50 -0.49 -10.73
C TYR A 274 -8.02 -0.51 -12.21
N GLY A 275 -8.44 -1.53 -12.93
CA GLY A 275 -8.04 -1.71 -14.34
C GLY A 275 -9.09 -1.21 -15.32
N LYS A 276 -9.24 -1.92 -16.45
CA LYS A 276 -10.23 -1.54 -17.49
C LYS A 276 -11.69 -1.86 -17.09
N ASP A 277 -12.62 -1.08 -17.64
CA ASP A 277 -14.05 -1.22 -17.35
C ASP A 277 -14.28 -1.32 -15.83
N PRO A 278 -13.72 -0.38 -15.05
CA PRO A 278 -13.83 -0.54 -13.59
C PRO A 278 -15.13 0.04 -13.03
N ILE A 279 -16.28 -0.52 -13.42
CA ILE A 279 -17.61 -0.05 -13.02
C ILE A 279 -18.18 -0.85 -11.88
N LEU A 280 -18.59 -0.12 -10.81
CA LEU A 280 -19.43 -0.62 -9.74
C LEU A 280 -20.85 -0.07 -9.93
N PRO A 281 -21.79 -0.93 -10.30
CA PRO A 281 -23.15 -0.49 -10.44
C PRO A 281 -23.76 -0.39 -9.06
N VAL A 282 -24.21 0.80 -8.72
CA VAL A 282 -24.78 0.98 -7.43
C VAL A 282 -26.24 1.11 -7.64
N ASN A 283 -27.01 0.35 -6.85
CA ASN A 283 -28.44 0.47 -6.93
C ASN A 283 -28.91 1.53 -5.96
N LEU A 284 -29.44 2.62 -6.51
CA LEU A 284 -29.85 3.78 -5.73
C LEU A 284 -30.92 3.44 -4.74
N GLN A 285 -31.83 2.58 -5.16
CA GLN A 285 -32.97 2.18 -4.32
C GLN A 285 -32.52 1.24 -3.24
N SER A 286 -31.81 0.19 -3.57
CA SER A 286 -31.56 -0.81 -2.53
C SER A 286 -30.25 -0.57 -1.74
N ASP A 287 -29.16 -0.26 -2.43
CA ASP A 287 -27.92 0.05 -1.73
C ASP A 287 -27.97 1.34 -0.91
N LEU A 288 -28.60 2.37 -1.44
CA LEU A 288 -28.50 3.69 -0.88
C LEU A 288 -29.77 4.08 -0.15
N TYR A 289 -30.87 4.24 -0.85
CA TYR A 289 -32.09 4.64 -0.19
C TYR A 289 -32.48 3.64 0.94
N TRP A 290 -32.63 2.35 0.66
CA TRP A 290 -33.12 1.43 1.71
CA TRP A 290 -33.11 1.36 1.64
C TRP A 290 -32.02 1.11 2.68
N ASP A 291 -30.81 0.82 2.19
CA ASP A 291 -29.73 0.37 3.07
C ASP A 291 -28.77 1.43 3.67
N GLN A 292 -28.86 2.67 3.20
CA GLN A 292 -28.08 3.70 3.76
C GLN A 292 -26.57 3.33 3.77
N LYS A 293 -26.09 2.77 2.68
CA LYS A 293 -24.69 2.42 2.57
C LYS A 293 -23.81 3.66 2.33
N HIS A 294 -22.55 3.56 2.73
CA HIS A 294 -21.59 4.63 2.52
C HIS A 294 -20.45 4.00 1.73
N ILE A 295 -20.19 4.59 0.55
CA ILE A 295 -19.15 4.11 -0.37
C ILE A 295 -18.07 5.17 -0.51
N HIS A 296 -16.85 4.80 -0.22
CA HIS A 296 -15.75 5.75 -0.18
C HIS A 296 -14.62 5.30 -1.06
N GLY A 297 -13.94 6.30 -1.61
CA GLY A 297 -12.61 6.10 -2.14
C GLY A 297 -11.50 6.48 -1.14
N ILE A 299 -7.35 8.04 -1.68
CA ILE A 299 -6.05 8.33 -2.36
C ILE A 299 -4.91 8.84 -1.45
N GLN A 300 -3.88 7.99 -1.36
CA GLN A 300 -2.57 8.24 -0.73
C GLN A 300 -2.57 8.23 0.77
N GLY A 301 -3.57 8.86 1.40
CA GLY A 301 -3.49 9.14 2.84
C GLY A 301 -2.78 10.50 3.05
N ALA A 302 -3.01 11.12 4.20
CA ALA A 302 -2.44 12.42 4.55
C ALA A 302 -2.09 12.43 6.01
N TRP A 303 -0.91 12.97 6.35
CA TRP A 303 -0.49 13.07 7.73
C TRP A 303 -0.40 11.75 8.48
N GLN A 304 -0.09 10.67 7.81
CA GLN A 304 -0.09 9.38 8.45
C GLN A 304 1.27 8.86 8.86
N PHE A 305 2.32 9.52 8.43
CA PHE A 305 3.67 8.95 8.61
C PHE A 305 4.10 8.79 10.08
N PRO A 306 3.93 9.82 10.91
CA PRO A 306 4.33 9.68 12.32
C PRO A 306 3.54 8.56 13.01
N LYS A 307 2.23 8.53 12.75
CA LYS A 307 1.31 7.47 13.24
C LYS A 307 1.77 6.07 12.87
N SER A 308 2.05 5.93 11.61
CA SER A 308 2.51 4.66 11.10
C SER A 308 3.80 4.22 11.73
N ILE A 309 4.71 5.17 11.87
CA ILE A 309 5.97 4.88 12.55
C ILE A 309 5.71 4.44 13.97
N ARG A 310 4.76 5.08 14.66
CA ARG A 310 4.42 4.64 16.05
C ARG A 310 3.78 3.25 16.14
N ILE A 312 4.43 0.61 14.06
CA ILE A 312 5.32 -0.47 13.66
C ILE A 312 5.58 -1.43 14.79
N PRO A 313 5.98 -0.95 15.98
CA PRO A 313 6.19 -1.98 17.04
C PRO A 313 4.93 -2.78 17.46
N ARG A 314 3.75 -2.33 17.07
CA ARG A 314 2.52 -3.09 17.36
C ARG A 314 2.19 -4.11 16.28
N ASP A 316 3.15 -7.18 13.45
CA ASP A 316 4.10 -8.33 13.37
C ASP A 316 4.33 -8.63 11.91
N PHE A 317 5.48 -8.20 11.41
CA PHE A 317 5.71 -8.30 9.98
C PHE A 317 6.32 -9.61 9.63
N SER A 318 6.54 -10.48 10.62
CA SER A 318 7.10 -11.79 10.29
C SER A 318 6.02 -12.59 9.57
N LYS A 319 4.81 -12.09 9.54
CA LYS A 319 3.70 -12.75 8.89
C LYS A 319 3.30 -12.09 7.59
N ILE A 320 4.10 -11.14 7.13
CA ILE A 320 3.76 -10.31 6.01
C ILE A 320 4.93 -10.24 5.05
N ILE A 321 6.10 -9.88 5.57
CA ILE A 321 7.30 -9.89 4.76
C ILE A 321 7.70 -11.32 4.61
N GLN A 322 7.52 -11.87 3.43
CA GLN A 322 7.76 -13.30 3.26
C GLN A 322 9.01 -13.57 2.48
N LYS A 323 9.64 -12.57 1.89
CA LYS A 323 10.90 -12.80 1.16
C LYS A 323 11.79 -11.61 1.33
N GLU A 324 13.08 -11.85 1.50
CA GLU A 324 14.09 -10.81 1.47
C GLU A 324 15.14 -11.22 0.48
N HIS A 325 15.52 -10.32 -0.42
CA HIS A 325 16.64 -10.52 -1.31
C HIS A 325 17.64 -9.36 -1.21
N THR A 326 18.87 -9.58 -1.68
CA THR A 326 19.87 -8.53 -1.80
C THR A 326 19.65 -7.78 -3.10
N LEU A 327 20.06 -6.50 -3.12
CA LEU A 327 20.00 -5.77 -4.37
C LEU A 327 20.73 -6.53 -5.46
N THR A 328 21.84 -7.16 -5.12
CA THR A 328 22.58 -7.93 -6.11
C THR A 328 21.67 -8.94 -6.78
N ASN A 329 20.79 -9.56 -6.01
CA ASN A 329 19.89 -10.59 -6.54
C ASN A 329 18.52 -10.07 -6.88
N TYR A 330 18.44 -8.81 -7.30
CA TYR A 330 17.16 -8.21 -7.58
C TYR A 330 16.38 -8.97 -8.62
N LYS A 331 17.07 -9.62 -9.53
CA LYS A 331 16.36 -10.33 -10.55
C LYS A 331 15.47 -11.39 -9.95
N GLN A 332 15.91 -12.11 -8.93
CA GLN A 332 15.05 -13.11 -8.29
C GLN A 332 13.89 -12.46 -7.55
N ALA A 333 14.13 -11.27 -6.99
CA ALA A 333 13.09 -10.59 -6.27
C ALA A 333 11.95 -10.27 -7.18
N PHE A 334 12.28 -9.79 -8.35
CA PHE A 334 11.23 -9.46 -9.29
C PHE A 334 10.57 -10.74 -9.87
N GLU A 335 11.31 -11.83 -10.03
CA GLU A 335 10.64 -13.10 -10.38
C GLU A 335 9.61 -13.45 -9.27
N ASP A 336 10.04 -13.35 -8.01
CA ASP A 336 9.13 -13.63 -6.89
C ASP A 336 7.94 -12.71 -6.92
N LEU A 337 8.14 -11.45 -7.22
CA LEU A 337 7.05 -10.52 -7.35
C LEU A 337 6.06 -10.98 -8.40
N TYR A 338 6.56 -11.27 -9.61
CA TYR A 338 5.69 -11.61 -10.73
C TYR A 338 4.98 -12.92 -10.45
N SER A 339 5.53 -13.80 -9.62
CA SER A 339 4.82 -15.00 -9.22
C SER A 339 3.53 -14.70 -8.47
N LYS A 340 3.38 -13.50 -7.91
CA LYS A 340 2.24 -13.20 -7.07
C LYS A 340 1.98 -14.17 -5.91
N LYS A 341 2.96 -14.97 -5.54
CA LYS A 341 2.79 -15.86 -4.40
C LYS A 341 2.89 -15.17 -3.05
N TYR A 342 3.60 -14.03 -2.94
CA TYR A 342 4.09 -13.52 -1.64
C TYR A 342 3.40 -12.26 -1.23
N ALA A 343 3.22 -12.07 0.09
CA ALA A 343 2.52 -10.90 0.54
C ALA A 343 3.38 -9.64 0.32
N LYS A 344 4.58 -9.63 0.86
CA LYS A 344 5.53 -8.51 0.65
C LYS A 344 6.94 -9.08 0.51
N ILE A 345 7.67 -8.45 -0.41
CA ILE A 345 9.07 -8.74 -0.67
C ILE A 345 9.93 -7.53 -0.38
N VAL A 346 11.03 -7.74 0.36
CA VAL A 346 11.98 -6.65 0.59
C VAL A 346 13.33 -6.94 -0.01
N ILE A 347 13.97 -5.86 -0.42
CA ILE A 347 15.31 -5.91 -0.94
C ILE A 347 16.29 -5.21 -0.03
N LYS A 348 17.37 -5.87 0.32
CA LYS A 348 18.39 -5.22 1.13
C LYS A 348 19.38 -4.54 0.20
N ASP A 350 22.09 -2.40 0.49
CA ASP A 350 23.54 -2.31 0.67
C ASP A 350 24.19 -3.69 0.52
N GLU A 351 23.54 -4.65 -0.12
CA GLU A 351 24.18 -5.93 -0.42
C GLU A 351 23.88 -6.38 -1.84
#